data_2A91
#
_entry.id   2A91
#
_cell.length_a   75.957
_cell.length_b   82.243
_cell.length_c   110.063
_cell.angle_alpha   90.00
_cell.angle_beta   90.00
_cell.angle_gamma   90.00
#
_symmetry.space_group_name_H-M   'P 21 21 21'
#
loop_
_entity.id
_entity.type
_entity.pdbx_description
1 polymer 'Receptor tyrosine-protein kinase erbB-2'
2 branched 2-acetamido-2-deoxy-beta-D-glucopyranose-(1-4)-2-acetamido-2-deoxy-beta-D-glucopyranose
3 non-polymer 2-acetamido-2-deoxy-beta-D-glucopyranose
4 water water
#
_entity_poly.entity_id   1
_entity_poly.type   'polypeptide(L)'
_entity_poly.pdbx_seq_one_letter_code
;STQVCTGTDMKLRLPASPETHLDMLRHLYQGCQVVQGNLELTYLPTNASLSFLQDIQEVQGYVLIAHNQVRQVPLQRLRI
VRGTQLFEDNYALAVLDNGDPLNNTTPVTGASPGGLRELQLRSLTEILKGGVLIQRNPQLCYQDTILWKDIFHKNNQLAL
TLIDTNRSRACHPCSPMCKGSRCWGESSEDCQSLTRTVCAGGCARCKGPLPTDCCHEQCAAGCTGPKHSDCLACLHFNHS
GICELHCPALVTYNTDTFESMPNPEGRYTFGASCVTACPYNYLSTDVGSCTLVCPLHNQEVTAEDGTQKCEKCSKPCARV
CYGLGMEHLREVRAVTSANIQEFAGCKKIFGSLAFLPESFDGDPASNTAPLQPEQLQVFETLEEITGYLYISAWPDSLPD
LSVFQNLQVIRGRILHNGAYSLTLQGLGISWLGLRSLRELGSGLALIHHNTHLCFVHTVPWDQLFRNPHQALLHTANRPE
DECVGEGLACHQLCAKGHCWGPGPTQCVNDYKDDDDK
;
_entity_poly.pdbx_strand_id   A
#
loop_
_chem_comp.id
_chem_comp.type
_chem_comp.name
_chem_comp.formula
NAG D-saccharide, beta linking 2-acetamido-2-deoxy-beta-D-glucopyranose 'C8 H15 N O6'
#
# COMPACT_ATOMS: atom_id res chain seq x y z
N SER A 1 -4.87 -0.43 18.08
CA SER A 1 -3.45 -0.67 17.67
C SER A 1 -3.39 -1.72 16.55
N THR A 2 -2.39 -1.60 15.67
CA THR A 2 -2.29 -2.53 14.54
C THR A 2 -0.96 -3.26 14.29
N GLN A 3 -1.11 -4.45 13.72
CA GLN A 3 0.00 -5.34 13.35
C GLN A 3 -0.11 -5.46 11.83
N VAL A 4 -1.11 -4.79 11.27
CA VAL A 4 -1.37 -4.79 9.84
C VAL A 4 -1.04 -3.44 9.22
N CYS A 5 -0.48 -3.48 8.01
CA CYS A 5 -0.16 -2.25 7.29
C CYS A 5 -0.52 -2.48 5.84
N THR A 6 -0.31 -1.44 5.03
CA THR A 6 -0.63 -1.55 3.63
C THR A 6 0.60 -1.42 2.75
N GLY A 7 0.62 -2.18 1.67
CA GLY A 7 1.75 -2.14 0.79
C GLY A 7 1.61 -0.96 -0.12
N THR A 8 2.33 -1.01 -1.23
CA THR A 8 2.27 0.08 -2.19
C THR A 8 1.77 -0.42 -3.54
N ASP A 9 1.89 0.43 -4.55
CA ASP A 9 1.45 0.10 -5.89
C ASP A 9 2.22 0.99 -6.85
N MET A 10 3.54 0.93 -6.76
CA MET A 10 4.38 1.75 -7.63
C MET A 10 5.04 0.95 -8.75
N LYS A 11 4.99 -0.38 -8.65
CA LYS A 11 5.60 -1.22 -9.67
C LYS A 11 7.06 -0.78 -9.84
N LEU A 12 7.46 -0.51 -11.08
CA LEU A 12 8.84 -0.10 -11.36
C LEU A 12 9.00 1.41 -11.52
N ARG A 13 7.96 2.16 -11.20
CA ARG A 13 8.00 3.63 -11.30
C ARG A 13 9.06 4.21 -10.35
N LEU A 14 9.87 5.11 -10.89
CA LEU A 14 10.94 5.76 -10.16
C LEU A 14 10.40 6.63 -9.02
N PRO A 15 10.98 6.51 -7.81
CA PRO A 15 10.49 7.32 -6.70
C PRO A 15 10.87 8.77 -6.99
N ALA A 16 9.88 9.66 -6.97
CA ALA A 16 10.10 11.07 -7.27
C ALA A 16 11.03 11.76 -6.26
N SER A 17 11.15 11.17 -5.08
CA SER A 17 12.01 11.75 -4.04
C SER A 17 12.93 10.67 -3.43
N PRO A 18 14.04 10.36 -4.12
CA PRO A 18 15.00 9.36 -3.67
C PRO A 18 15.48 9.58 -2.24
N GLU A 19 15.49 10.85 -1.81
CA GLU A 19 15.96 11.17 -0.46
C GLU A 19 15.00 10.73 0.63
N THR A 20 13.71 10.58 0.30
CA THR A 20 12.74 10.17 1.31
C THR A 20 12.11 8.81 1.08
N HIS A 21 12.38 8.23 -0.09
CA HIS A 21 11.86 6.91 -0.44
C HIS A 21 12.00 5.85 0.65
N LEU A 22 13.20 5.73 1.22
CA LEU A 22 13.47 4.75 2.27
C LEU A 22 12.76 5.07 3.56
N ASP A 23 12.67 6.34 3.87
CA ASP A 23 12.01 6.81 5.08
C ASP A 23 10.51 6.48 4.97
N MET A 24 10.02 6.43 3.73
CA MET A 24 8.63 6.11 3.48
C MET A 24 8.41 4.66 3.82
N LEU A 25 9.25 3.80 3.24
CA LEU A 25 9.17 2.35 3.46
C LEU A 25 9.24 2.04 4.95
N ARG A 26 10.23 2.64 5.61
CA ARG A 26 10.41 2.44 7.03
C ARG A 26 9.13 2.78 7.79
N HIS A 27 8.54 3.94 7.51
CA HIS A 27 7.30 4.36 8.17
C HIS A 27 6.20 3.35 7.86
N LEU A 28 6.15 2.96 6.60
CA LEU A 28 5.17 2.01 6.11
C LEU A 28 5.22 0.62 6.76
N TYR A 29 6.39 -0.01 6.77
CA TYR A 29 6.52 -1.36 7.31
C TYR A 29 7.02 -1.62 8.73
N GLN A 30 7.62 -0.64 9.37
CA GLN A 30 8.14 -0.86 10.71
C GLN A 30 7.12 -1.46 11.65
N GLY A 31 7.45 -2.62 12.22
CA GLY A 31 6.54 -3.26 13.14
C GLY A 31 5.41 -4.01 12.45
N CYS A 32 5.24 -3.78 11.16
CA CYS A 32 4.18 -4.45 10.41
C CYS A 32 4.41 -5.97 10.30
N GLN A 33 3.32 -6.74 10.41
CA GLN A 33 3.39 -8.20 10.32
C GLN A 33 2.60 -8.73 9.12
N VAL A 34 1.44 -8.11 8.85
CA VAL A 34 0.61 -8.51 7.73
C VAL A 34 0.49 -7.36 6.74
N VAL A 35 0.97 -7.56 5.53
CA VAL A 35 0.92 -6.53 4.53
C VAL A 35 -0.24 -6.69 3.53
N GLN A 36 -1.30 -5.89 3.72
CA GLN A 36 -2.43 -5.91 2.81
C GLN A 36 -1.79 -5.26 1.58
N GLY A 37 -2.16 -5.70 0.39
CA GLY A 37 -1.52 -5.08 -0.76
C GLY A 37 -0.18 -5.71 -1.07
N ASN A 38 0.68 -4.96 -1.75
CA ASN A 38 1.96 -5.48 -2.18
C ASN A 38 3.20 -4.95 -1.47
N LEU A 39 4.18 -5.84 -1.33
CA LEU A 39 5.45 -5.46 -0.72
C LEU A 39 6.40 -5.18 -1.88
N GLU A 40 6.67 -3.90 -2.11
CA GLU A 40 7.55 -3.50 -3.21
C GLU A 40 8.80 -2.79 -2.70
N LEU A 41 9.94 -3.47 -2.84
CA LEU A 41 11.22 -2.95 -2.42
C LEU A 41 12.04 -2.65 -3.66
N THR A 42 12.06 -1.37 -4.04
CA THR A 42 12.75 -0.94 -5.24
C THR A 42 13.69 0.24 -5.07
N TYR A 43 14.59 0.39 -6.04
CA TYR A 43 15.58 1.47 -6.10
C TYR A 43 16.30 1.81 -4.79
N LEU A 44 16.60 0.80 -3.98
CA LEU A 44 17.29 1.07 -2.72
C LEU A 44 18.79 1.03 -2.90
N PRO A 45 19.49 2.07 -2.39
CA PRO A 45 20.96 2.19 -2.48
C PRO A 45 21.67 1.13 -1.63
N THR A 46 22.94 0.90 -1.92
CA THR A 46 23.72 -0.10 -1.22
C THR A 46 23.84 0.08 0.29
N ASN A 47 23.67 1.30 0.79
CA ASN A 47 23.80 1.55 2.23
C ASN A 47 22.48 1.50 2.99
N ALA A 48 21.42 1.08 2.31
CA ALA A 48 20.09 1.01 2.90
C ALA A 48 19.90 0.00 4.05
N SER A 49 19.53 0.51 5.21
CA SER A 49 19.27 -0.34 6.35
C SER A 49 17.79 -0.73 6.29
N LEU A 50 17.51 -2.01 6.09
CA LEU A 50 16.15 -2.51 5.96
C LEU A 50 15.64 -3.37 7.12
N SER A 51 16.22 -3.23 8.29
CA SER A 51 15.81 -4.02 9.45
C SER A 51 14.32 -3.92 9.79
N PHE A 52 13.68 -2.83 9.41
CA PHE A 52 12.27 -2.67 9.73
C PHE A 52 11.33 -3.65 9.02
N LEU A 53 11.89 -4.46 8.11
CA LEU A 53 11.11 -5.45 7.37
C LEU A 53 11.09 -6.82 8.04
N GLN A 54 11.81 -6.94 9.16
CA GLN A 54 11.93 -8.21 9.88
C GLN A 54 10.67 -8.86 10.45
N ASP A 55 9.60 -8.10 10.62
CA ASP A 55 8.38 -8.67 11.20
C ASP A 55 7.30 -9.12 10.22
N ILE A 56 7.49 -8.82 8.94
CA ILE A 56 6.54 -9.21 7.89
C ILE A 56 6.41 -10.74 7.85
N GLN A 57 5.19 -11.24 8.01
CA GLN A 57 4.92 -12.68 7.98
C GLN A 57 4.13 -13.09 6.77
N GLU A 58 3.22 -12.22 6.33
CA GLU A 58 2.42 -12.49 5.15
C GLU A 58 2.18 -11.26 4.30
N VAL A 59 2.05 -11.46 3.00
CA VAL A 59 1.81 -10.39 2.06
C VAL A 59 0.61 -10.80 1.23
N GLN A 60 -0.47 -10.02 1.30
CA GLN A 60 -1.70 -10.30 0.59
C GLN A 60 -1.56 -10.17 -0.93
N GLY A 61 -0.76 -9.20 -1.37
CA GLY A 61 -0.55 -9.02 -2.79
C GLY A 61 0.64 -9.83 -3.26
N TYR A 62 1.53 -9.19 -4.03
CA TYR A 62 2.74 -9.82 -4.55
C TYR A 62 3.96 -9.17 -3.90
N VAL A 63 5.13 -9.76 -4.14
CA VAL A 63 6.39 -9.24 -3.59
C VAL A 63 7.33 -8.86 -4.72
N LEU A 64 7.61 -7.56 -4.82
CA LEU A 64 8.51 -7.05 -5.85
C LEU A 64 9.77 -6.51 -5.19
N ILE A 65 10.91 -6.99 -5.67
CA ILE A 65 12.22 -6.57 -5.18
C ILE A 65 13.00 -6.32 -6.44
N ALA A 66 13.18 -5.06 -6.80
CA ALA A 66 13.88 -4.76 -8.04
C ALA A 66 14.67 -3.47 -8.05
N HIS A 67 15.69 -3.42 -8.91
CA HIS A 67 16.54 -2.26 -9.05
C HIS A 67 17.16 -1.79 -7.76
N ASN A 68 17.62 -2.73 -6.94
CA ASN A 68 18.26 -2.38 -5.70
C ASN A 68 19.74 -2.69 -5.79
N GLN A 69 20.52 -1.95 -4.99
CA GLN A 69 21.96 -2.15 -4.95
C GLN A 69 22.28 -2.77 -3.60
N VAL A 70 21.29 -2.77 -2.71
CA VAL A 70 21.46 -3.35 -1.38
C VAL A 70 21.81 -4.84 -1.49
N ARG A 71 22.57 -5.37 -0.55
CA ARG A 71 22.99 -6.76 -0.64
C ARG A 71 22.03 -7.76 -0.02
N GLN A 72 21.24 -7.32 0.95
CA GLN A 72 20.27 -8.20 1.58
C GLN A 72 18.99 -7.50 2.01
N VAL A 73 17.89 -8.24 1.91
CA VAL A 73 16.57 -7.77 2.28
C VAL A 73 16.06 -8.78 3.30
N PRO A 74 16.16 -8.46 4.60
CA PRO A 74 15.73 -9.33 5.70
C PRO A 74 14.26 -9.71 5.78
N LEU A 75 13.85 -10.66 4.94
CA LEU A 75 12.48 -11.15 4.94
C LEU A 75 12.44 -12.61 5.43
N GLN A 76 13.24 -12.90 6.45
CA GLN A 76 13.31 -14.26 7.00
C GLN A 76 12.03 -14.76 7.65
N ARG A 77 11.10 -13.86 7.99
CA ARG A 77 9.85 -14.34 8.61
C ARG A 77 8.64 -14.33 7.70
N LEU A 78 8.86 -14.05 6.41
CA LEU A 78 7.77 -14.05 5.46
C LEU A 78 7.35 -15.49 5.26
N ARG A 79 6.15 -15.82 5.74
CA ARG A 79 5.61 -17.17 5.64
C ARG A 79 4.75 -17.41 4.40
N ILE A 80 3.93 -16.44 4.03
CA ILE A 80 3.02 -16.64 2.91
C ILE A 80 2.71 -15.42 2.07
N VAL A 81 2.63 -15.63 0.76
CA VAL A 81 2.29 -14.57 -0.17
C VAL A 81 1.00 -15.07 -0.82
N ARG A 82 -0.11 -14.40 -0.54
CA ARG A 82 -1.41 -14.80 -1.08
C ARG A 82 -1.60 -14.51 -2.56
N GLY A 83 -0.91 -13.50 -3.07
CA GLY A 83 -1.03 -13.20 -4.48
C GLY A 83 -2.42 -12.79 -4.96
N THR A 84 -3.10 -11.98 -4.16
CA THR A 84 -4.43 -11.49 -4.51
C THR A 84 -4.25 -10.54 -5.68
N GLN A 85 -3.00 -10.19 -5.93
CA GLN A 85 -2.63 -9.30 -7.02
C GLN A 85 -1.29 -9.82 -7.52
N LEU A 86 -1.04 -9.71 -8.82
CA LEU A 86 0.21 -10.22 -9.36
C LEU A 86 0.97 -9.20 -10.18
N PHE A 87 2.29 -9.30 -10.10
CA PHE A 87 3.13 -8.42 -10.89
C PHE A 87 2.97 -8.92 -12.33
N GLU A 88 2.78 -7.99 -13.28
CA GLU A 88 2.58 -8.34 -14.69
C GLU A 88 1.49 -9.41 -14.84
N ASP A 89 0.63 -9.51 -13.83
CA ASP A 89 -0.47 -10.47 -13.83
C ASP A 89 -0.11 -11.95 -13.70
N ASN A 90 1.13 -12.27 -13.39
CA ASN A 90 1.51 -13.67 -13.27
C ASN A 90 2.34 -14.03 -12.05
N TYR A 91 3.16 -13.11 -11.58
CA TYR A 91 4.03 -13.44 -10.47
C TYR A 91 3.69 -12.92 -9.09
N ALA A 92 3.74 -13.84 -8.12
CA ALA A 92 3.50 -13.50 -6.74
C ALA A 92 4.84 -13.02 -6.19
N LEU A 93 5.92 -13.42 -6.86
CA LEU A 93 7.27 -13.03 -6.45
C LEU A 93 8.14 -12.64 -7.65
N ALA A 94 8.66 -11.42 -7.62
CA ALA A 94 9.48 -10.91 -8.71
C ALA A 94 10.76 -10.26 -8.20
N VAL A 95 11.90 -10.79 -8.63
CA VAL A 95 13.19 -10.26 -8.24
C VAL A 95 13.92 -9.88 -9.53
N LEU A 96 14.00 -8.57 -9.78
CA LEU A 96 14.60 -8.08 -11.01
C LEU A 96 15.70 -7.03 -10.86
N ASP A 97 16.59 -7.03 -11.85
CA ASP A 97 17.71 -6.10 -11.95
C ASP A 97 18.30 -5.60 -10.64
N ASN A 98 18.69 -6.53 -9.77
CA ASN A 98 19.30 -6.19 -8.50
C ASN A 98 20.80 -6.43 -8.59
N GLY A 99 21.52 -5.42 -9.07
CA GLY A 99 22.95 -5.51 -9.24
C GLY A 99 23.41 -4.42 -10.20
N ASP A 100 24.48 -3.75 -9.84
CA ASP A 100 25.06 -2.65 -10.62
C ASP A 100 25.01 -2.77 -12.15
N PRO A 101 25.63 -3.82 -12.73
CA PRO A 101 25.61 -3.96 -14.20
C PRO A 101 24.33 -4.59 -14.74
N LEU A 102 24.47 -5.33 -15.84
CA LEU A 102 23.33 -6.00 -16.48
C LEU A 102 23.75 -7.31 -17.16
N PRO A 107 39.99 -0.36 -8.91
CA PRO A 107 39.85 -0.70 -7.49
C PRO A 107 38.67 -1.65 -7.27
N VAL A 108 38.73 -2.81 -7.92
CA VAL A 108 37.68 -3.82 -7.83
C VAL A 108 37.59 -4.48 -6.45
N THR A 109 38.57 -5.35 -6.16
CA THR A 109 38.64 -6.08 -4.90
C THR A 109 38.10 -5.31 -3.70
N GLY A 110 38.40 -4.02 -3.63
CA GLY A 110 37.95 -3.19 -2.53
C GLY A 110 36.45 -3.25 -2.28
N ALA A 111 35.69 -2.43 -2.98
CA ALA A 111 34.24 -2.38 -2.82
C ALA A 111 33.52 -3.64 -3.29
N SER A 112 32.81 -4.29 -2.35
CA SER A 112 32.06 -5.49 -2.66
C SER A 112 30.91 -5.12 -3.59
N PRO A 113 30.85 -5.74 -4.77
CA PRO A 113 29.79 -5.44 -5.74
C PRO A 113 28.41 -5.31 -5.09
N GLY A 114 27.60 -4.40 -5.61
CA GLY A 114 26.26 -4.21 -5.08
C GLY A 114 25.33 -5.22 -5.69
N GLY A 115 24.22 -5.48 -5.02
CA GLY A 115 23.25 -6.44 -5.54
C GLY A 115 22.89 -7.49 -4.52
N LEU A 116 21.69 -8.05 -4.65
CA LEU A 116 21.20 -9.08 -3.75
C LEU A 116 22.05 -10.34 -3.92
N ARG A 117 22.54 -10.89 -2.82
CA ARG A 117 23.39 -12.08 -2.88
C ARG A 117 22.60 -13.36 -2.68
N GLU A 118 21.68 -13.33 -1.71
CA GLU A 118 20.83 -14.48 -1.43
C GLU A 118 19.43 -14.03 -0.99
N LEU A 119 18.41 -14.80 -1.35
CA LEU A 119 17.03 -14.45 -0.99
C LEU A 119 16.72 -14.61 0.50
N GLN A 120 17.16 -15.69 1.10
CA GLN A 120 16.95 -15.90 2.53
C GLN A 120 15.50 -15.87 3.02
N LEU A 121 14.58 -16.29 2.16
CA LEU A 121 13.16 -16.36 2.50
C LEU A 121 12.95 -17.74 3.09
N ARG A 122 13.62 -18.02 4.21
CA ARG A 122 13.54 -19.32 4.81
C ARG A 122 12.23 -19.72 5.49
N SER A 123 11.28 -18.81 5.55
CA SER A 123 9.99 -19.12 6.17
C SER A 123 8.92 -19.16 5.10
N LEU A 124 9.27 -18.72 3.89
CA LEU A 124 8.33 -18.70 2.79
C LEU A 124 8.01 -20.09 2.29
N THR A 125 6.88 -20.62 2.77
CA THR A 125 6.43 -21.95 2.40
C THR A 125 5.09 -21.92 1.69
N GLU A 126 4.61 -20.74 1.33
CA GLU A 126 3.31 -20.67 0.67
C GLU A 126 3.05 -19.50 -0.25
N ILE A 127 2.69 -19.82 -1.50
CA ILE A 127 2.32 -18.82 -2.49
C ILE A 127 0.99 -19.35 -3.03
N LEU A 128 -0.11 -18.76 -2.54
CA LEU A 128 -1.45 -19.19 -2.91
C LEU A 128 -1.78 -19.08 -4.38
N LYS A 129 -1.42 -17.96 -4.98
CA LYS A 129 -1.70 -17.74 -6.39
C LYS A 129 -0.52 -17.00 -7.02
N GLY A 130 -0.18 -17.34 -8.26
CA GLY A 130 0.92 -16.67 -8.92
C GLY A 130 2.24 -17.42 -8.97
N GLY A 131 3.17 -16.90 -9.78
CA GLY A 131 4.45 -17.57 -9.93
C GLY A 131 5.68 -16.80 -9.47
N VAL A 132 6.84 -17.27 -9.92
CA VAL A 132 8.08 -16.64 -9.53
C VAL A 132 8.90 -16.19 -10.72
N LEU A 133 9.24 -14.91 -10.72
CA LEU A 133 10.03 -14.30 -11.78
C LEU A 133 11.33 -13.78 -11.16
N ILE A 134 12.45 -14.36 -11.57
CA ILE A 134 13.73 -13.92 -11.06
C ILE A 134 14.64 -13.69 -12.26
N GLN A 135 15.00 -12.44 -12.50
CA GLN A 135 15.84 -12.09 -13.64
C GLN A 135 16.91 -11.04 -13.32
N ARG A 136 17.97 -11.06 -14.10
CA ARG A 136 19.07 -10.11 -13.99
C ARG A 136 19.51 -9.71 -12.58
N ASN A 137 19.93 -10.70 -11.81
CA ASN A 137 20.42 -10.48 -10.46
C ASN A 137 21.83 -11.07 -10.40
N PRO A 138 22.83 -10.29 -10.83
CA PRO A 138 24.27 -10.55 -10.90
C PRO A 138 24.99 -11.21 -9.72
N GLN A 139 24.62 -10.85 -8.49
CA GLN A 139 25.27 -11.41 -7.32
C GLN A 139 24.40 -12.42 -6.59
N LEU A 140 23.35 -12.92 -7.24
CA LEU A 140 22.42 -13.85 -6.61
C LEU A 140 22.68 -15.35 -6.71
N CYS A 141 22.65 -16.04 -5.57
CA CYS A 141 22.86 -17.49 -5.51
C CYS A 141 21.69 -18.25 -4.91
N TYR A 142 21.71 -19.57 -5.10
CA TYR A 142 20.71 -20.48 -4.54
C TYR A 142 19.30 -20.47 -5.08
N GLN A 143 18.89 -19.42 -5.77
CA GLN A 143 17.53 -19.38 -6.29
C GLN A 143 17.18 -20.61 -7.13
N ASP A 144 18.19 -21.27 -7.69
CA ASP A 144 17.96 -22.45 -8.52
C ASP A 144 17.90 -23.77 -7.77
N THR A 145 18.37 -23.79 -6.52
CA THR A 145 18.32 -24.99 -5.69
C THR A 145 17.03 -25.11 -4.89
N ILE A 146 16.12 -24.19 -5.10
CA ILE A 146 14.85 -24.19 -4.36
C ILE A 146 13.75 -24.91 -5.10
N LEU A 147 13.04 -25.78 -4.39
CA LEU A 147 11.94 -26.50 -5.00
C LEU A 147 10.71 -25.59 -4.90
N TRP A 148 10.50 -24.78 -5.94
CA TRP A 148 9.38 -23.85 -5.96
C TRP A 148 8.00 -24.52 -5.97
N LYS A 149 7.91 -25.70 -6.56
CA LYS A 149 6.66 -26.43 -6.63
C LYS A 149 6.15 -26.73 -5.23
N ASP A 150 7.06 -26.91 -4.29
CA ASP A 150 6.63 -27.19 -2.93
C ASP A 150 5.98 -25.93 -2.36
N ILE A 151 6.59 -24.79 -2.62
CA ILE A 151 6.07 -23.53 -2.13
C ILE A 151 4.72 -23.23 -2.74
N PHE A 152 4.60 -23.36 -4.06
CA PHE A 152 3.34 -23.13 -4.76
C PHE A 152 2.27 -24.01 -4.13
N HIS A 153 1.09 -23.45 -3.87
CA HIS A 153 -0.01 -24.20 -3.28
C HIS A 153 -0.58 -25.17 -4.30
N LYS A 154 -1.24 -26.22 -3.84
CA LYS A 154 -1.80 -27.20 -4.77
C LYS A 154 -2.75 -26.52 -5.74
N ASN A 155 -3.67 -25.71 -5.22
CA ASN A 155 -4.64 -25.02 -6.04
C ASN A 155 -4.07 -23.84 -6.84
N ASN A 156 -2.78 -23.53 -6.65
CA ASN A 156 -2.18 -22.42 -7.37
C ASN A 156 -2.31 -22.69 -8.86
N GLN A 157 -3.13 -21.88 -9.52
CA GLN A 157 -3.40 -22.00 -10.95
C GLN A 157 -2.34 -21.30 -11.81
N LEU A 158 -1.42 -20.61 -11.15
CA LEU A 158 -0.37 -19.88 -11.85
C LEU A 158 1.02 -20.26 -11.37
N ALA A 159 1.20 -21.55 -11.05
CA ALA A 159 2.48 -22.09 -10.58
C ALA A 159 3.48 -22.05 -11.73
N LEU A 160 3.73 -20.84 -12.23
CA LEU A 160 4.65 -20.64 -13.33
C LEU A 160 6.00 -20.19 -12.77
N THR A 161 7.05 -20.36 -13.57
CA THR A 161 8.40 -19.97 -13.15
C THR A 161 9.27 -19.46 -14.30
N LEU A 162 10.13 -18.50 -13.99
CA LEU A 162 11.08 -17.93 -14.94
C LEU A 162 12.28 -17.48 -14.15
N ILE A 163 13.18 -18.42 -13.89
CA ILE A 163 14.35 -18.12 -13.11
C ILE A 163 15.65 -18.08 -13.88
N ASP A 164 16.28 -16.90 -13.84
CA ASP A 164 17.55 -16.66 -14.52
C ASP A 164 18.66 -17.03 -13.54
N THR A 165 19.73 -17.65 -14.05
CA THR A 165 20.83 -18.05 -13.20
C THR A 165 22.16 -17.40 -13.56
N ASN A 166 22.19 -16.64 -14.65
CA ASN A 166 23.42 -15.96 -15.06
C ASN A 166 23.96 -15.19 -13.87
N ARG A 167 25.02 -15.70 -13.26
CA ARG A 167 25.63 -15.05 -12.11
C ARG A 167 26.92 -14.35 -12.50
N SER A 168 27.42 -13.51 -11.60
CA SER A 168 28.64 -12.77 -11.87
C SER A 168 29.67 -13.05 -10.77
N ARG A 169 29.45 -14.13 -10.03
CA ARG A 169 30.35 -14.55 -8.95
C ARG A 169 30.14 -16.05 -8.77
N ALA A 170 30.99 -16.68 -7.98
CA ALA A 170 30.89 -18.11 -7.74
C ALA A 170 30.12 -18.33 -6.44
N CYS A 171 29.27 -19.36 -6.41
CA CYS A 171 28.48 -19.64 -5.20
C CYS A 171 29.08 -20.71 -4.31
N HIS A 172 29.11 -20.47 -3.01
CA HIS A 172 29.59 -21.50 -2.08
C HIS A 172 28.39 -22.46 -2.01
N PRO A 173 28.64 -23.74 -1.72
CA PRO A 173 27.53 -24.69 -1.65
C PRO A 173 26.65 -24.56 -0.40
N CYS A 174 25.43 -25.09 -0.46
CA CYS A 174 24.50 -25.06 0.67
C CYS A 174 25.18 -25.69 1.87
N SER A 175 24.72 -25.37 3.08
CA SER A 175 25.29 -25.95 4.29
C SER A 175 25.10 -27.47 4.25
N PRO A 176 25.99 -28.22 4.93
CA PRO A 176 25.92 -29.69 4.98
C PRO A 176 24.60 -30.14 5.57
N MET A 177 24.06 -29.30 6.45
CA MET A 177 22.79 -29.55 7.13
C MET A 177 21.60 -29.66 6.17
N CYS A 178 21.71 -29.02 5.01
CA CYS A 178 20.64 -29.04 4.04
C CYS A 178 20.54 -30.34 3.26
N LYS A 179 19.45 -31.05 3.52
CA LYS A 179 19.15 -32.34 2.89
C LYS A 179 19.50 -32.45 1.40
N GLY A 180 18.56 -32.08 0.54
CA GLY A 180 18.79 -32.18 -0.89
C GLY A 180 19.43 -31.00 -1.58
N SER A 181 20.43 -30.40 -0.95
CA SER A 181 21.12 -29.26 -1.54
C SER A 181 20.14 -28.14 -1.87
N ARG A 182 19.14 -27.95 -1.01
CA ARG A 182 18.14 -26.91 -1.20
C ARG A 182 18.25 -25.86 -0.10
N CYS A 183 18.71 -24.66 -0.46
CA CYS A 183 18.85 -23.59 0.53
C CYS A 183 18.60 -22.20 -0.05
N TRP A 184 18.37 -21.23 0.82
CA TRP A 184 18.13 -19.84 0.43
C TRP A 184 19.39 -19.03 0.59
N GLY A 185 20.38 -19.61 1.25
CA GLY A 185 21.63 -18.92 1.46
C GLY A 185 22.68 -19.90 1.96
N GLU A 186 23.91 -19.42 2.11
CA GLU A 186 25.00 -20.27 2.57
C GLU A 186 24.83 -20.75 4.01
N SER A 187 24.17 -19.96 4.84
CA SER A 187 23.97 -20.34 6.24
C SER A 187 23.40 -21.74 6.45
N SER A 188 23.58 -22.24 7.67
CA SER A 188 23.10 -23.57 8.04
C SER A 188 21.64 -23.43 8.42
N GLU A 189 21.17 -22.20 8.43
CA GLU A 189 19.80 -21.91 8.78
C GLU A 189 18.96 -21.52 7.56
N ASP A 190 19.48 -21.76 6.37
CA ASP A 190 18.75 -21.40 5.15
C ASP A 190 18.27 -22.60 4.35
N CYS A 191 18.23 -23.76 4.99
CA CYS A 191 17.78 -24.96 4.29
C CYS A 191 16.28 -24.86 3.99
N GLN A 192 15.89 -25.03 2.73
CA GLN A 192 14.48 -24.97 2.37
C GLN A 192 13.76 -26.09 3.08
N SER A 193 12.71 -25.73 3.82
CA SER A 193 11.90 -26.71 4.53
C SER A 193 10.74 -27.03 3.61
N LEU A 194 10.58 -28.30 3.26
CA LEU A 194 9.48 -28.70 2.38
C LEU A 194 8.22 -29.00 3.19
N THR A 195 7.05 -28.63 2.67
CA THR A 195 5.79 -28.86 3.40
C THR A 195 4.62 -29.38 2.55
N ARG A 196 4.89 -29.66 1.28
CA ARG A 196 3.86 -30.16 0.37
C ARG A 196 4.34 -31.46 -0.29
N THR A 197 5.31 -31.32 -1.20
CA THR A 197 5.88 -32.44 -1.93
C THR A 197 6.33 -33.66 -1.10
N VAL A 198 6.46 -33.51 0.22
CA VAL A 198 6.88 -34.63 1.04
C VAL A 198 5.83 -35.05 2.06
N CYS A 199 4.56 -34.95 1.68
CA CYS A 199 3.46 -35.29 2.59
C CYS A 199 2.80 -36.64 2.36
N ALA A 200 2.23 -37.17 3.44
CA ALA A 200 1.53 -38.45 3.43
C ALA A 200 0.15 -38.25 2.83
N GLY A 201 -0.64 -39.33 2.79
CA GLY A 201 -1.97 -39.25 2.23
C GLY A 201 -1.90 -38.36 1.01
N GLY A 202 -2.69 -37.29 1.00
CA GLY A 202 -2.67 -36.38 -0.11
C GLY A 202 -2.88 -34.96 0.40
N CYS A 203 -2.64 -34.76 1.69
CA CYS A 203 -2.85 -33.45 2.29
C CYS A 203 -1.95 -32.39 1.71
N ALA A 204 -2.49 -31.16 1.61
CA ALA A 204 -1.78 -30.01 1.04
C ALA A 204 -0.50 -29.58 1.76
N ARG A 205 -0.55 -29.51 3.08
CA ARG A 205 0.60 -29.11 3.89
C ARG A 205 0.83 -30.09 5.03
N CYS A 206 2.07 -30.19 5.49
CA CYS A 206 2.37 -31.12 6.57
C CYS A 206 3.64 -30.74 7.34
N LYS A 207 3.74 -31.25 8.56
CA LYS A 207 4.89 -31.00 9.44
C LYS A 207 5.94 -32.10 9.26
N GLY A 208 5.53 -33.22 8.66
CA GLY A 208 6.45 -34.31 8.45
C GLY A 208 6.01 -35.29 7.38
N PRO A 209 6.50 -36.55 7.43
CA PRO A 209 6.15 -37.59 6.46
C PRO A 209 4.95 -38.45 6.86
N LEU A 210 4.71 -38.54 8.17
CA LEU A 210 3.63 -39.35 8.71
C LEU A 210 2.24 -38.77 8.48
N PRO A 211 1.23 -39.64 8.29
CA PRO A 211 -0.14 -39.20 8.05
C PRO A 211 -0.61 -38.29 9.18
N THR A 212 -0.02 -38.46 10.35
CA THR A 212 -0.36 -37.66 11.52
C THR A 212 0.26 -36.29 11.45
N ASP A 213 1.32 -36.16 10.64
CA ASP A 213 2.00 -34.88 10.50
C ASP A 213 1.22 -33.94 9.58
N CYS A 214 0.29 -34.49 8.81
CA CYS A 214 -0.53 -33.69 7.91
C CYS A 214 -1.18 -32.55 8.67
N CYS A 215 -1.32 -31.43 7.99
CA CYS A 215 -1.95 -30.24 8.57
C CYS A 215 -3.45 -30.20 8.28
N HIS A 216 -4.19 -29.49 9.13
CA HIS A 216 -5.62 -29.35 8.92
C HIS A 216 -5.87 -28.68 7.56
N GLU A 217 -6.94 -29.09 6.90
CA GLU A 217 -7.32 -28.58 5.58
C GLU A 217 -7.37 -27.05 5.49
N GLN A 218 -7.82 -26.39 6.56
CA GLN A 218 -7.93 -24.93 6.59
C GLN A 218 -6.61 -24.20 6.78
N CYS A 219 -5.55 -24.96 7.01
CA CYS A 219 -4.23 -24.37 7.18
C CYS A 219 -3.60 -24.04 5.84
N ALA A 220 -2.61 -23.16 5.88
CA ALA A 220 -1.86 -22.76 4.70
C ALA A 220 -0.41 -22.56 5.17
N ALA A 221 0.54 -22.83 4.27
CA ALA A 221 1.97 -22.67 4.56
C ALA A 221 2.53 -23.73 5.50
N GLY A 222 1.74 -24.20 6.45
CA GLY A 222 2.25 -25.22 7.35
C GLY A 222 1.56 -25.27 8.69
N CYS A 223 2.10 -26.10 9.59
CA CYS A 223 1.53 -26.25 10.93
C CYS A 223 2.48 -26.87 11.93
N THR A 224 2.13 -26.76 13.21
CA THR A 224 2.92 -27.34 14.29
C THR A 224 2.18 -28.58 14.77
N GLY A 225 0.87 -28.45 14.90
CA GLY A 225 0.03 -29.56 15.32
C GLY A 225 -0.94 -29.98 14.23
N PRO A 226 -1.83 -30.94 14.50
CA PRO A 226 -2.80 -31.40 13.51
C PRO A 226 -4.13 -30.62 13.55
N LYS A 227 -4.31 -29.83 14.61
CA LYS A 227 -5.53 -29.05 14.78
C LYS A 227 -5.61 -27.81 13.88
N HIS A 228 -6.83 -27.35 13.63
CA HIS A 228 -7.03 -26.17 12.78
C HIS A 228 -6.61 -24.91 13.54
N SER A 229 -5.93 -25.13 14.67
CA SER A 229 -5.44 -24.04 15.51
C SER A 229 -3.92 -24.07 15.56
N ASP A 230 -3.33 -25.04 14.85
CA ASP A 230 -1.87 -25.18 14.80
C ASP A 230 -1.33 -24.74 13.45
N CYS A 231 -2.14 -23.97 12.72
CA CYS A 231 -1.74 -23.48 11.41
C CYS A 231 -0.69 -22.37 11.51
N LEU A 232 0.17 -22.28 10.51
CA LEU A 232 1.17 -21.23 10.47
C LEU A 232 0.52 -20.01 9.84
N ALA A 233 -0.52 -20.27 9.06
CA ALA A 233 -1.28 -19.24 8.37
C ALA A 233 -2.62 -19.85 7.98
N CYS A 234 -3.65 -19.01 7.90
CA CYS A 234 -4.98 -19.48 7.53
C CYS A 234 -5.20 -19.36 6.03
N LEU A 235 -5.61 -20.46 5.41
CA LEU A 235 -5.88 -20.48 3.98
C LEU A 235 -6.95 -19.46 3.59
N HIS A 236 -7.91 -19.23 4.49
CA HIS A 236 -9.00 -18.28 4.24
C HIS A 236 -9.16 -17.28 5.38
N PHE A 237 -9.69 -17.72 6.52
CA PHE A 237 -9.88 -16.79 7.62
C PHE A 237 -9.43 -17.22 9.00
N ASN A 238 -8.84 -16.29 9.73
CA ASN A 238 -8.43 -16.55 11.09
C ASN A 238 -9.61 -16.07 11.91
N HIS A 239 -10.28 -17.00 12.59
CA HIS A 239 -11.44 -16.67 13.40
C HIS A 239 -11.07 -16.75 14.88
N SER A 240 -10.37 -15.73 15.36
CA SER A 240 -9.96 -15.69 16.75
C SER A 240 -9.23 -16.96 17.17
N GLY A 241 -8.23 -17.38 16.40
CA GLY A 241 -7.49 -18.57 16.77
C GLY A 241 -7.67 -19.79 15.89
N ILE A 242 -8.81 -19.91 15.23
CA ILE A 242 -9.02 -21.06 14.37
C ILE A 242 -9.24 -20.65 12.91
N CYS A 243 -8.63 -21.39 12.00
CA CYS A 243 -8.76 -21.12 10.58
C CYS A 243 -10.04 -21.78 10.06
N GLU A 244 -10.84 -21.03 9.32
CA GLU A 244 -12.08 -21.54 8.77
C GLU A 244 -12.26 -21.09 7.31
N LEU A 245 -13.18 -21.74 6.60
CA LEU A 245 -13.45 -21.40 5.19
C LEU A 245 -14.15 -20.04 5.07
N HIS A 246 -15.00 -19.70 6.02
CA HIS A 246 -15.67 -18.40 5.99
C HIS A 246 -15.96 -17.95 7.42
N CYS A 247 -16.30 -16.67 7.58
CA CYS A 247 -16.60 -16.15 8.90
C CYS A 247 -18.06 -16.38 9.24
N PRO A 248 -18.43 -16.11 10.49
CA PRO A 248 -19.84 -16.29 10.87
C PRO A 248 -20.61 -15.11 10.34
N ALA A 249 -21.65 -15.36 9.56
CA ALA A 249 -22.47 -14.28 9.01
C ALA A 249 -22.99 -13.33 10.10
N LEU A 250 -23.35 -12.11 9.70
CA LEU A 250 -23.86 -11.12 10.64
C LEU A 250 -25.32 -11.36 11.02
N VAL A 251 -26.02 -12.16 10.21
CA VAL A 251 -27.42 -12.41 10.51
C VAL A 251 -27.76 -13.89 10.47
N THR A 252 -28.71 -14.29 11.31
CA THR A 252 -29.18 -15.66 11.35
C THR A 252 -30.61 -15.56 10.83
N TYR A 253 -31.04 -16.54 10.03
CA TYR A 253 -32.39 -16.51 9.51
C TYR A 253 -33.35 -17.41 10.27
N ASN A 254 -34.62 -17.01 10.28
CA ASN A 254 -35.66 -17.75 10.95
C ASN A 254 -36.05 -18.97 10.11
N THR A 255 -36.05 -20.12 10.75
CA THR A 255 -36.39 -21.39 10.09
C THR A 255 -37.67 -21.41 9.24
N ASP A 256 -38.71 -20.73 9.71
CA ASP A 256 -39.99 -20.70 9.00
C ASP A 256 -40.23 -19.42 8.24
N THR A 257 -39.91 -18.31 8.89
CA THR A 257 -40.12 -17.00 8.30
C THR A 257 -38.98 -16.54 7.41
N PHE A 258 -37.76 -16.89 7.82
CA PHE A 258 -36.57 -16.48 7.10
C PHE A 258 -36.46 -14.97 7.18
N GLU A 259 -36.57 -14.48 8.41
CA GLU A 259 -36.46 -13.06 8.68
C GLU A 259 -35.20 -12.87 9.51
N SER A 260 -34.41 -11.88 9.13
CA SER A 260 -33.15 -11.57 9.79
C SER A 260 -33.21 -11.40 11.30
N MET A 261 -32.10 -11.75 11.92
CA MET A 261 -31.91 -11.64 13.35
C MET A 261 -30.40 -11.49 13.55
N PRO A 262 -29.98 -10.43 14.25
CA PRO A 262 -28.55 -10.20 14.48
C PRO A 262 -27.87 -11.42 15.08
N ASN A 263 -26.60 -11.61 14.71
CA ASN A 263 -25.83 -12.74 15.20
C ASN A 263 -24.76 -12.27 16.16
N PRO A 264 -24.87 -12.65 17.44
CA PRO A 264 -23.89 -12.26 18.46
C PRO A 264 -22.48 -12.71 18.08
N GLU A 265 -22.39 -13.78 17.29
CA GLU A 265 -21.12 -14.33 16.85
C GLU A 265 -20.74 -13.81 15.46
N GLY A 266 -21.54 -12.89 14.93
CA GLY A 266 -21.27 -12.34 13.62
C GLY A 266 -20.00 -11.52 13.56
N ARG A 267 -19.26 -11.61 12.46
CA ARG A 267 -18.01 -10.87 12.26
C ARG A 267 -17.86 -10.45 10.79
N TYR A 268 -17.18 -9.34 10.54
CA TYR A 268 -16.97 -8.91 9.16
C TYR A 268 -15.67 -9.52 8.63
N THR A 269 -15.53 -9.51 7.30
CA THR A 269 -14.32 -10.03 6.69
C THR A 269 -13.40 -8.83 6.46
N PHE A 270 -12.14 -8.99 6.85
CA PHE A 270 -11.12 -7.97 6.69
C PHE A 270 -9.83 -8.70 6.41
N GLY A 271 -9.42 -8.71 5.16
CA GLY A 271 -8.21 -9.42 4.81
C GLY A 271 -8.48 -10.90 5.07
N ALA A 272 -7.55 -11.58 5.72
CA ALA A 272 -7.73 -12.99 6.00
C ALA A 272 -8.17 -13.22 7.44
N SER A 273 -9.02 -12.35 7.97
CA SER A 273 -9.47 -12.53 9.33
C SER A 273 -10.90 -12.09 9.59
N CYS A 274 -11.50 -12.63 10.64
CA CYS A 274 -12.87 -12.29 11.02
C CYS A 274 -12.77 -11.31 12.19
N VAL A 275 -13.29 -10.11 12.01
CA VAL A 275 -13.23 -9.11 13.06
C VAL A 275 -14.61 -8.65 13.47
N THR A 276 -14.74 -8.19 14.70
CA THR A 276 -16.02 -7.73 15.24
C THR A 276 -16.41 -6.37 14.66
N ALA A 277 -15.41 -5.56 14.32
CA ALA A 277 -15.65 -4.24 13.75
C ALA A 277 -14.58 -3.90 12.74
N CYS A 278 -14.97 -3.25 11.66
CA CYS A 278 -14.01 -2.85 10.64
C CYS A 278 -13.06 -1.80 11.21
N PRO A 279 -11.78 -1.83 10.82
CA PRO A 279 -10.83 -0.85 11.33
C PRO A 279 -11.06 0.56 10.78
N TYR A 280 -10.42 1.53 11.41
CA TYR A 280 -10.55 2.93 11.02
C TYR A 280 -10.32 3.18 9.53
N ASN A 281 -11.20 4.00 8.97
CA ASN A 281 -11.16 4.42 7.58
C ASN A 281 -11.71 3.42 6.57
N TYR A 282 -12.13 2.25 7.05
CA TYR A 282 -12.70 1.24 6.16
C TYR A 282 -14.23 1.34 6.16
N LEU A 283 -14.85 0.74 5.15
CA LEU A 283 -16.30 0.76 5.03
C LEU A 283 -16.90 -0.60 5.39
N SER A 284 -17.91 -0.59 6.26
CA SER A 284 -18.59 -1.81 6.67
C SER A 284 -19.67 -2.02 5.63
N THR A 285 -19.89 -3.27 5.22
CA THR A 285 -20.89 -3.55 4.19
C THR A 285 -22.06 -4.39 4.62
N ASP A 286 -23.02 -4.52 3.70
CA ASP A 286 -24.23 -5.31 3.90
C ASP A 286 -23.80 -6.75 4.06
N VAL A 287 -22.91 -7.17 3.17
CA VAL A 287 -22.41 -8.53 3.13
C VAL A 287 -21.35 -8.85 4.17
N GLY A 288 -21.33 -8.09 5.26
CA GLY A 288 -20.37 -8.32 6.32
C GLY A 288 -18.89 -8.29 5.96
N SER A 289 -18.47 -7.27 5.22
CA SER A 289 -17.07 -7.16 4.85
C SER A 289 -16.52 -5.76 5.16
N CYS A 290 -15.20 -5.64 5.13
CA CYS A 290 -14.56 -4.36 5.37
C CYS A 290 -13.88 -3.99 4.06
N THR A 291 -14.41 -2.96 3.42
CA THR A 291 -13.88 -2.55 2.14
C THR A 291 -13.71 -1.06 2.00
N LEU A 292 -12.93 -0.68 0.99
CA LEU A 292 -12.68 0.73 0.70
C LEU A 292 -13.67 1.25 -0.33
N VAL A 293 -14.40 0.34 -0.97
CA VAL A 293 -15.38 0.72 -1.98
C VAL A 293 -16.66 -0.08 -1.81
N CYS A 294 -17.80 0.58 -1.88
CA CYS A 294 -19.09 -0.08 -1.70
C CYS A 294 -19.56 -1.00 -2.85
N PRO A 295 -20.70 -1.70 -2.64
CA PRO A 295 -21.32 -2.63 -3.61
C PRO A 295 -22.02 -1.97 -4.79
N LEU A 296 -22.30 -2.77 -5.82
CA LEU A 296 -22.97 -2.34 -7.05
C LEU A 296 -23.64 -0.98 -6.94
N HIS A 297 -24.89 -1.00 -6.51
CA HIS A 297 -25.66 0.22 -6.37
C HIS A 297 -25.78 0.67 -4.92
N ASN A 298 -24.97 0.09 -4.03
CA ASN A 298 -25.00 0.46 -2.63
C ASN A 298 -24.11 1.70 -2.44
N GLN A 299 -24.51 2.60 -1.54
CA GLN A 299 -23.71 3.81 -1.33
C GLN A 299 -23.41 4.15 0.12
N GLU A 300 -22.33 4.92 0.30
CA GLU A 300 -21.86 5.33 1.62
C GLU A 300 -22.85 6.14 2.45
N VAL A 301 -22.85 5.87 3.75
CA VAL A 301 -23.74 6.55 4.69
C VAL A 301 -22.96 6.91 5.95
N THR A 302 -22.63 8.20 6.08
CA THR A 302 -21.86 8.67 7.22
C THR A 302 -22.69 8.79 8.50
N ALA A 303 -22.32 8.01 9.51
CA ALA A 303 -23.01 8.07 10.80
C ALA A 303 -22.27 9.15 11.60
N GLU A 304 -22.93 9.70 12.61
CA GLU A 304 -22.33 10.75 13.44
C GLU A 304 -20.89 10.48 13.82
N ASP A 305 -20.68 9.35 14.50
CA ASP A 305 -19.35 8.94 14.96
C ASP A 305 -18.31 8.81 13.83
N GLY A 306 -18.77 8.67 12.60
CA GLY A 306 -17.83 8.54 11.49
C GLY A 306 -17.92 7.21 10.77
N THR A 307 -18.47 6.20 11.45
CA THR A 307 -18.62 4.88 10.86
C THR A 307 -19.46 4.97 9.59
N GLN A 308 -18.79 4.95 8.43
CA GLN A 308 -19.49 5.02 7.17
C GLN A 308 -19.82 3.62 6.69
N LYS A 309 -21.10 3.33 6.54
CA LYS A 309 -21.53 2.02 6.09
C LYS A 309 -21.89 2.11 4.61
N CYS A 310 -22.21 0.97 4.03
CA CYS A 310 -22.62 0.92 2.63
C CYS A 310 -24.06 0.41 2.65
N GLU A 311 -25.00 1.23 2.20
CA GLU A 311 -26.41 0.84 2.19
C GLU A 311 -26.93 0.58 0.78
N LYS A 312 -28.07 -0.13 0.69
CA LYS A 312 -28.69 -0.44 -0.59
C LYS A 312 -29.20 0.84 -1.23
N CYS A 313 -28.60 1.18 -2.37
CA CYS A 313 -28.97 2.38 -3.11
C CYS A 313 -29.20 1.87 -4.53
N SER A 314 -29.65 0.62 -4.62
CA SER A 314 -29.91 -0.03 -5.89
C SER A 314 -30.81 0.80 -6.79
N LYS A 315 -32.06 0.94 -6.38
CA LYS A 315 -33.03 1.70 -7.16
C LYS A 315 -33.01 3.20 -6.88
N PRO A 316 -33.57 3.65 -5.72
CA PRO A 316 -33.57 5.08 -5.44
C PRO A 316 -32.15 5.53 -5.07
N CYS A 317 -31.42 6.09 -6.03
CA CYS A 317 -30.05 6.50 -5.75
C CYS A 317 -29.57 7.82 -6.36
N ALA A 318 -29.33 8.80 -5.49
CA ALA A 318 -28.86 10.12 -5.90
C ALA A 318 -27.47 10.06 -6.53
N ARG A 319 -27.31 10.76 -7.66
CA ARG A 319 -26.04 10.80 -8.37
C ARG A 319 -24.93 11.44 -7.55
N VAL A 320 -23.71 10.95 -7.72
CA VAL A 320 -22.58 11.48 -6.99
C VAL A 320 -21.47 11.88 -7.94
N CYS A 321 -20.49 12.60 -7.41
CA CYS A 321 -19.36 13.04 -8.21
C CYS A 321 -18.24 12.01 -8.12
N TYR A 322 -17.95 11.32 -9.21
CA TYR A 322 -16.89 10.34 -9.21
C TYR A 322 -15.62 11.03 -9.66
N GLY A 323 -14.49 10.64 -9.08
CA GLY A 323 -13.24 11.26 -9.44
C GLY A 323 -12.36 10.31 -10.21
N LEU A 324 -11.10 10.70 -10.41
CA LEU A 324 -10.16 9.88 -11.14
C LEU A 324 -10.05 8.52 -10.45
N GLY A 325 -9.98 7.47 -11.26
CA GLY A 325 -9.87 6.11 -10.75
C GLY A 325 -11.23 5.45 -10.56
N MET A 326 -12.30 6.24 -10.69
CA MET A 326 -13.64 5.68 -10.51
C MET A 326 -14.55 5.78 -11.73
N GLU A 327 -15.47 4.84 -11.82
CA GLU A 327 -16.45 4.77 -12.93
C GLU A 327 -15.88 5.13 -14.30
N HIS A 328 -16.43 6.17 -14.93
CA HIS A 328 -15.94 6.53 -16.24
C HIS A 328 -14.54 7.10 -16.22
N LEU A 329 -14.14 7.70 -15.10
CA LEU A 329 -12.81 8.28 -14.98
C LEU A 329 -11.76 7.27 -14.51
N ARG A 330 -12.15 6.02 -14.40
CA ARG A 330 -11.25 4.96 -13.95
C ARG A 330 -9.86 4.92 -14.60
N GLU A 331 -9.76 5.32 -15.85
CA GLU A 331 -8.45 5.28 -16.54
C GLU A 331 -7.84 6.65 -16.79
N VAL A 332 -8.60 7.71 -16.49
CA VAL A 332 -8.11 9.07 -16.69
C VAL A 332 -7.03 9.36 -15.65
N ARG A 333 -5.88 9.83 -16.11
CA ARG A 333 -4.78 10.10 -15.19
C ARG A 333 -4.60 11.55 -14.77
N ALA A 334 -5.55 12.43 -15.14
CA ALA A 334 -5.42 13.84 -14.79
C ALA A 334 -6.68 14.68 -15.00
N VAL A 335 -6.77 15.78 -14.25
CA VAL A 335 -7.88 16.70 -14.38
C VAL A 335 -7.54 17.63 -15.53
N THR A 336 -8.48 17.79 -16.45
CA THR A 336 -8.26 18.65 -17.62
C THR A 336 -9.50 19.45 -17.97
N SER A 337 -9.36 20.29 -18.99
CA SER A 337 -10.46 21.11 -19.47
C SER A 337 -11.59 20.20 -19.95
N ALA A 338 -11.21 18.98 -20.33
CA ALA A 338 -12.16 17.99 -20.83
C ALA A 338 -13.01 17.32 -19.75
N ASN A 339 -12.71 17.60 -18.47
CA ASN A 339 -13.48 16.99 -17.38
C ASN A 339 -13.67 17.90 -16.17
N ILE A 340 -12.94 19.01 -16.15
CA ILE A 340 -13.02 19.95 -15.04
C ILE A 340 -14.45 20.34 -14.63
N GLN A 341 -15.32 20.55 -15.62
CA GLN A 341 -16.70 20.95 -15.32
C GLN A 341 -17.52 19.88 -14.60
N GLU A 342 -17.11 18.62 -14.72
CA GLU A 342 -17.82 17.53 -14.07
C GLU A 342 -17.83 17.64 -12.54
N PHE A 343 -17.02 18.52 -11.98
CA PHE A 343 -16.95 18.64 -10.53
C PHE A 343 -17.70 19.82 -9.96
N ALA A 344 -18.32 20.60 -10.83
CA ALA A 344 -19.09 21.76 -10.41
C ALA A 344 -20.03 21.40 -9.26
N GLY A 345 -19.97 22.18 -8.18
CA GLY A 345 -20.85 21.96 -7.05
C GLY A 345 -20.70 20.64 -6.31
N CYS A 346 -19.57 19.97 -6.52
CA CYS A 346 -19.34 18.70 -5.85
C CYS A 346 -18.83 18.95 -4.44
N LYS A 347 -19.57 18.52 -3.42
CA LYS A 347 -19.13 18.70 -2.04
C LYS A 347 -18.17 17.58 -1.69
N LYS A 348 -18.51 16.40 -2.17
CA LYS A 348 -17.74 15.21 -1.90
C LYS A 348 -17.38 14.55 -3.22
N ILE A 349 -16.16 14.04 -3.32
CA ILE A 349 -15.72 13.37 -4.54
C ILE A 349 -15.26 11.95 -4.26
N PHE A 350 -15.93 10.99 -4.88
CA PHE A 350 -15.60 9.59 -4.70
C PHE A 350 -14.53 9.21 -5.70
N GLY A 351 -13.28 9.25 -5.25
CA GLY A 351 -12.15 8.97 -6.11
C GLY A 351 -11.02 9.96 -5.80
N SER A 352 -10.16 10.21 -6.78
CA SER A 352 -9.03 11.10 -6.56
C SER A 352 -8.92 12.26 -7.54
N LEU A 353 -8.10 13.23 -7.19
CA LEU A 353 -7.85 14.40 -8.04
C LEU A 353 -6.37 14.50 -8.25
N ALA A 354 -5.96 14.61 -9.52
CA ALA A 354 -4.54 14.71 -9.83
C ALA A 354 -4.32 15.76 -10.91
N PHE A 355 -3.36 16.65 -10.67
CA PHE A 355 -3.04 17.70 -11.62
C PHE A 355 -1.61 17.51 -12.04
N LEU A 356 -1.39 17.37 -13.34
CA LEU A 356 -0.05 17.18 -13.86
C LEU A 356 0.29 18.28 -14.86
N PRO A 357 1.55 18.30 -15.34
CA PRO A 357 1.96 19.32 -16.31
C PRO A 357 0.91 19.47 -17.41
N GLU A 358 0.57 18.35 -18.04
CA GLU A 358 -0.42 18.33 -19.11
C GLU A 358 -1.72 19.04 -18.75
N SER A 359 -2.12 18.94 -17.48
CA SER A 359 -3.36 19.57 -17.03
C SER A 359 -3.40 21.03 -17.44
N PHE A 360 -2.32 21.75 -17.15
CA PHE A 360 -2.28 23.16 -17.48
C PHE A 360 -1.60 23.46 -18.81
N ASP A 361 -0.86 22.48 -19.33
CA ASP A 361 -0.20 22.64 -20.62
C ASP A 361 -1.29 22.50 -21.69
N GLY A 362 -2.25 21.63 -21.42
CA GLY A 362 -3.33 21.39 -22.36
C GLY A 362 -2.80 20.51 -23.48
N ASP A 363 -3.68 19.78 -24.14
CA ASP A 363 -3.25 18.91 -25.24
C ASP A 363 -3.92 19.36 -26.52
N PRO A 364 -3.23 20.19 -27.33
CA PRO A 364 -3.72 20.71 -28.60
C PRO A 364 -4.11 19.60 -29.57
N ALA A 365 -3.37 18.48 -29.52
CA ALA A 365 -3.65 17.33 -30.39
C ALA A 365 -5.08 16.83 -30.17
N SER A 366 -5.52 16.84 -28.92
CA SER A 366 -6.87 16.40 -28.59
C SER A 366 -7.80 17.62 -28.51
N ASN A 367 -7.25 18.79 -28.83
CA ASN A 367 -7.98 20.06 -28.79
C ASN A 367 -8.50 20.37 -27.39
N THR A 368 -7.84 19.76 -26.40
CA THR A 368 -8.18 19.98 -24.99
C THR A 368 -7.37 21.20 -24.57
N ALA A 369 -8.04 22.36 -24.58
CA ALA A 369 -7.39 23.60 -24.22
C ALA A 369 -6.82 23.54 -22.81
N PRO A 370 -5.69 24.22 -22.57
CA PRO A 370 -5.11 24.18 -21.22
C PRO A 370 -6.17 24.54 -20.19
N LEU A 371 -5.94 24.15 -18.95
CA LEU A 371 -6.90 24.45 -17.91
C LEU A 371 -6.59 25.86 -17.46
N GLN A 372 -7.62 26.63 -17.15
CA GLN A 372 -7.44 28.02 -16.74
C GLN A 372 -7.58 28.19 -15.24
N PRO A 373 -6.70 29.00 -14.64
CA PRO A 373 -6.73 29.24 -13.20
C PRO A 373 -8.14 29.48 -12.64
N GLU A 374 -8.99 30.13 -13.44
CA GLU A 374 -10.35 30.43 -13.01
C GLU A 374 -11.23 29.20 -13.02
N GLN A 375 -10.87 28.23 -13.86
CA GLN A 375 -11.63 26.99 -13.95
C GLN A 375 -11.48 26.16 -12.66
N LEU A 376 -10.33 26.32 -12.00
CA LEU A 376 -10.06 25.61 -10.77
C LEU A 376 -11.00 26.02 -9.63
N GLN A 377 -11.69 27.13 -9.80
CA GLN A 377 -12.62 27.61 -8.77
C GLN A 377 -13.79 26.65 -8.62
N VAL A 378 -13.74 25.57 -9.38
CA VAL A 378 -14.78 24.55 -9.34
C VAL A 378 -14.74 23.76 -8.03
N PHE A 379 -13.55 23.65 -7.44
CA PHE A 379 -13.42 22.87 -6.21
C PHE A 379 -13.65 23.64 -4.92
N GLU A 380 -14.07 24.89 -5.04
CA GLU A 380 -14.29 25.71 -3.86
C GLU A 380 -15.38 25.18 -2.94
N THR A 381 -16.25 24.33 -3.47
CA THR A 381 -17.31 23.76 -2.63
C THR A 381 -16.88 22.41 -2.07
N LEU A 382 -15.81 21.85 -2.64
CA LEU A 382 -15.27 20.55 -2.25
C LEU A 382 -14.82 20.48 -0.79
N GLU A 383 -15.39 19.52 -0.06
CA GLU A 383 -15.09 19.31 1.35
C GLU A 383 -14.42 17.95 1.61
N GLU A 384 -14.60 17.02 0.68
CA GLU A 384 -14.05 15.67 0.85
C GLU A 384 -13.66 14.94 -0.43
N ILE A 385 -12.56 14.19 -0.32
CA ILE A 385 -12.01 13.37 -1.40
C ILE A 385 -11.77 12.02 -0.75
N THR A 386 -12.38 10.97 -1.26
CA THR A 386 -12.21 9.64 -0.68
C THR A 386 -10.87 9.06 -1.13
N GLY A 387 -10.39 9.54 -2.27
CA GLY A 387 -9.12 9.05 -2.79
C GLY A 387 -7.91 9.83 -2.29
N TYR A 388 -7.14 10.38 -3.21
CA TYR A 388 -5.96 11.15 -2.83
C TYR A 388 -5.91 12.42 -3.63
N LEU A 389 -4.97 13.29 -3.31
CA LEU A 389 -4.82 14.53 -4.04
C LEU A 389 -3.35 14.54 -4.46
N TYR A 390 -3.12 14.69 -5.75
CA TYR A 390 -1.77 14.72 -6.30
C TYR A 390 -1.64 15.98 -7.14
N ILE A 391 -0.59 16.77 -6.91
CA ILE A 391 -0.39 18.00 -7.64
C ILE A 391 1.08 18.15 -8.01
N SER A 392 1.39 17.90 -9.28
CA SER A 392 2.76 18.00 -9.76
C SER A 392 2.91 19.19 -10.68
N ALA A 393 1.84 19.98 -10.80
CA ALA A 393 1.83 21.18 -11.61
C ALA A 393 0.70 22.08 -11.13
N TRP A 394 0.96 23.38 -11.14
CA TRP A 394 -0.02 24.35 -10.67
C TRP A 394 0.36 25.66 -11.37
N PRO A 395 -0.62 26.52 -11.69
CA PRO A 395 -0.36 27.80 -12.36
C PRO A 395 0.45 28.78 -11.53
N ASP A 396 1.62 29.20 -12.05
CA ASP A 396 2.48 30.14 -11.33
C ASP A 396 1.75 31.37 -10.81
N SER A 397 0.74 31.82 -11.54
CA SER A 397 -0.02 32.97 -11.12
C SER A 397 -0.67 32.76 -9.74
N LEU A 398 -1.09 31.52 -9.44
CA LEU A 398 -1.70 31.24 -8.15
C LEU A 398 -0.65 30.97 -7.07
N PRO A 399 -0.69 31.71 -5.95
CA PRO A 399 0.26 31.58 -4.84
C PRO A 399 0.01 30.42 -3.87
N ASP A 400 -1.21 29.90 -3.86
CA ASP A 400 -1.54 28.81 -2.96
C ASP A 400 -2.56 27.86 -3.56
N LEU A 401 -3.09 26.97 -2.73
CA LEU A 401 -4.08 26.00 -3.19
C LEU A 401 -5.42 26.36 -2.57
N SER A 402 -5.64 27.65 -2.34
CA SER A 402 -6.88 28.10 -1.71
C SER A 402 -8.15 27.62 -2.41
N VAL A 403 -8.06 27.23 -3.68
CA VAL A 403 -9.25 26.73 -4.34
C VAL A 403 -9.79 25.56 -3.51
N PHE A 404 -8.89 24.90 -2.78
CA PHE A 404 -9.27 23.77 -1.94
C PHE A 404 -9.39 24.20 -0.47
N GLN A 405 -9.63 25.49 -0.24
CA GLN A 405 -9.72 25.98 1.13
C GLN A 405 -10.81 25.34 1.98
N ASN A 406 -11.82 24.73 1.37
CA ASN A 406 -12.88 24.09 2.15
C ASN A 406 -12.71 22.57 2.21
N LEU A 407 -11.56 22.08 1.78
CA LEU A 407 -11.29 20.65 1.78
C LEU A 407 -11.04 20.26 3.24
N GLN A 408 -11.89 19.39 3.77
CA GLN A 408 -11.78 18.98 5.17
C GLN A 408 -11.14 17.63 5.39
N VAL A 409 -11.43 16.69 4.49
CA VAL A 409 -10.90 15.37 4.63
C VAL A 409 -10.47 14.75 3.32
N ILE A 410 -9.38 13.98 3.40
CA ILE A 410 -8.86 13.23 2.28
C ILE A 410 -8.66 11.88 2.93
N ARG A 411 -9.66 11.01 2.78
CA ARG A 411 -9.63 9.67 3.36
C ARG A 411 -8.39 8.88 2.95
N GLY A 412 -7.99 9.00 1.69
CA GLY A 412 -6.85 8.24 1.24
C GLY A 412 -7.18 6.76 1.11
N ARG A 413 -8.43 6.44 0.80
CA ARG A 413 -8.84 5.05 0.62
C ARG A 413 -8.09 4.50 -0.58
N ILE A 414 -7.66 5.41 -1.45
CA ILE A 414 -6.86 5.06 -2.62
C ILE A 414 -5.65 6.00 -2.52
N LEU A 415 -4.44 5.44 -2.55
CA LEU A 415 -3.22 6.26 -2.44
C LEU A 415 -2.42 6.32 -3.73
N HIS A 416 -1.71 7.42 -3.94
CA HIS A 416 -0.90 7.54 -5.14
C HIS A 416 0.29 6.58 -4.96
N ASN A 417 0.61 5.81 -6.01
CA ASN A 417 1.66 4.79 -5.91
C ASN A 417 1.31 3.92 -4.70
N GLY A 418 0.03 3.90 -4.34
CA GLY A 418 -0.43 3.11 -3.23
C GLY A 418 0.17 3.50 -1.88
N ALA A 419 0.74 4.70 -1.80
CA ALA A 419 1.36 5.12 -0.55
C ALA A 419 1.01 6.52 -0.06
N TYR A 420 0.94 7.48 -0.99
CA TYR A 420 0.68 8.89 -0.68
C TYR A 420 -0.74 9.40 -0.91
N SER A 421 -1.30 10.04 0.12
CA SER A 421 -2.65 10.57 0.03
C SER A 421 -2.61 12.02 -0.37
N LEU A 422 -1.47 12.65 -0.16
CA LEU A 422 -1.30 14.06 -0.52
C LEU A 422 0.09 14.26 -1.08
N THR A 423 0.17 14.69 -2.34
CA THR A 423 1.46 14.92 -2.96
C THR A 423 1.53 16.29 -3.60
N LEU A 424 2.56 17.05 -3.26
CA LEU A 424 2.73 18.37 -3.84
C LEU A 424 4.18 18.41 -4.23
N GLN A 425 4.44 18.45 -5.53
CA GLN A 425 5.81 18.48 -6.02
C GLN A 425 6.04 19.35 -7.25
N GLY A 426 7.23 19.95 -7.29
CA GLY A 426 7.64 20.82 -8.38
C GLY A 426 6.78 22.05 -8.59
N LEU A 427 5.99 22.42 -7.58
CA LEU A 427 5.12 23.58 -7.73
C LEU A 427 5.80 24.92 -7.48
N GLY A 428 5.05 25.99 -7.75
CA GLY A 428 5.57 27.33 -7.54
C GLY A 428 4.84 28.05 -6.43
N ILE A 429 3.95 27.34 -5.74
CA ILE A 429 3.19 27.96 -4.67
C ILE A 429 4.07 28.49 -3.54
N SER A 430 3.58 29.54 -2.88
CA SER A 430 4.32 30.16 -1.79
C SER A 430 3.85 29.66 -0.44
N TRP A 431 2.62 29.15 -0.38
CA TRP A 431 2.08 28.56 0.84
C TRP A 431 0.94 27.62 0.48
N LEU A 432 0.56 26.74 1.39
CA LEU A 432 -0.50 25.79 1.08
C LEU A 432 -1.89 26.40 1.02
N GLY A 433 -2.37 26.91 2.15
CA GLY A 433 -3.69 27.53 2.16
C GLY A 433 -4.84 26.55 2.24
N LEU A 434 -4.54 25.31 2.63
CA LEU A 434 -5.55 24.28 2.78
C LEU A 434 -6.14 24.47 4.19
N ARG A 435 -6.62 25.69 4.46
CA ARG A 435 -7.14 26.06 5.77
C ARG A 435 -8.19 25.19 6.45
N SER A 436 -9.00 24.47 5.68
CA SER A 436 -10.02 23.61 6.29
C SER A 436 -9.60 22.16 6.48
N LEU A 437 -8.43 21.79 5.95
CA LEU A 437 -7.95 20.42 6.03
C LEU A 437 -7.64 19.97 7.45
N ARG A 438 -8.46 19.08 7.99
CA ARG A 438 -8.22 18.60 9.34
C ARG A 438 -7.87 17.12 9.41
N GLU A 439 -7.89 16.43 8.27
CA GLU A 439 -7.55 15.02 8.27
C GLU A 439 -7.15 14.33 6.96
N LEU A 440 -6.16 13.46 7.10
CA LEU A 440 -5.66 12.63 6.02
C LEU A 440 -5.93 11.24 6.58
N GLY A 441 -7.07 10.66 6.20
CA GLY A 441 -7.47 9.36 6.69
C GLY A 441 -6.39 8.29 6.76
N SER A 442 -5.53 8.27 5.75
CA SER A 442 -4.46 7.29 5.71
C SER A 442 -3.50 7.71 4.61
N GLY A 443 -2.36 7.04 4.54
CA GLY A 443 -1.36 7.39 3.55
C GLY A 443 -0.43 8.45 4.07
N LEU A 444 0.72 8.61 3.41
CA LEU A 444 1.68 9.60 3.81
C LEU A 444 1.49 10.86 2.99
N ALA A 445 2.14 11.93 3.41
CA ALA A 445 2.07 13.21 2.72
C ALA A 445 3.46 13.44 2.15
N LEU A 446 3.52 13.79 0.88
CA LEU A 446 4.80 14.04 0.24
C LEU A 446 4.78 15.44 -0.35
N ILE A 447 5.70 16.28 0.12
CA ILE A 447 5.81 17.66 -0.34
C ILE A 447 7.28 17.96 -0.59
N HIS A 448 7.67 18.09 -1.85
CA HIS A 448 9.07 18.35 -2.13
C HIS A 448 9.32 19.09 -3.42
N HIS A 449 10.50 19.69 -3.50
CA HIS A 449 10.91 20.47 -4.64
C HIS A 449 9.94 21.57 -5.02
N ASN A 450 9.48 22.28 -3.99
CA ASN A 450 8.59 23.43 -4.14
C ASN A 450 9.44 24.58 -3.62
N THR A 451 10.22 25.14 -4.54
CA THR A 451 11.18 26.22 -4.27
C THR A 451 10.76 27.43 -3.44
N HIS A 452 9.58 27.97 -3.71
CA HIS A 452 9.12 29.14 -3.00
C HIS A 452 8.15 28.79 -1.90
N LEU A 453 8.07 27.51 -1.55
CA LEU A 453 7.11 27.11 -0.55
C LEU A 453 7.54 27.28 0.90
N CYS A 454 6.76 28.07 1.64
CA CYS A 454 7.01 28.28 3.06
C CYS A 454 5.77 27.75 3.75
N PHE A 455 5.60 28.06 5.02
CA PHE A 455 4.43 27.61 5.76
C PHE A 455 4.16 26.13 5.67
N VAL A 456 5.22 25.34 5.75
CA VAL A 456 5.09 23.90 5.74
C VAL A 456 5.29 23.48 7.18
N HIS A 457 6.30 24.09 7.83
CA HIS A 457 6.61 23.77 9.22
C HIS A 457 5.59 24.37 10.18
N THR A 458 4.79 25.31 9.69
CA THR A 458 3.77 25.95 10.51
C THR A 458 2.50 25.12 10.64
N VAL A 459 2.44 24.03 9.88
CA VAL A 459 1.28 23.16 9.90
C VAL A 459 1.48 22.00 10.88
N PRO A 460 0.48 21.76 11.76
CA PRO A 460 0.53 20.69 12.76
C PRO A 460 0.18 19.34 12.12
N TRP A 461 1.03 18.89 11.21
CA TRP A 461 0.81 17.63 10.49
C TRP A 461 0.36 16.43 11.32
N ASP A 462 0.92 16.28 12.52
CA ASP A 462 0.55 15.17 13.39
C ASP A 462 -0.94 15.14 13.69
N GLN A 463 -1.56 16.31 13.74
CA GLN A 463 -2.98 16.40 14.01
C GLN A 463 -3.80 15.78 12.87
N LEU A 464 -3.34 15.93 11.62
CA LEU A 464 -4.08 15.39 10.47
C LEU A 464 -4.03 13.86 10.30
N PHE A 465 -2.94 13.22 10.71
CA PHE A 465 -2.81 11.78 10.56
C PHE A 465 -3.71 11.02 11.52
N ARG A 466 -3.99 9.75 11.22
CA ARG A 466 -4.85 8.91 12.03
C ARG A 466 -4.30 7.52 12.41
N ASN A 467 -3.11 7.18 11.94
CA ASN A 467 -2.50 5.89 12.29
C ASN A 467 -0.98 6.07 12.38
N PRO A 468 -0.30 5.17 13.11
CA PRO A 468 1.16 5.21 13.32
C PRO A 468 2.02 5.18 12.06
N HIS A 469 1.45 4.69 10.97
CA HIS A 469 2.20 4.57 9.73
C HIS A 469 2.22 5.80 8.86
N GLN A 470 1.60 6.89 9.31
CA GLN A 470 1.56 8.12 8.52
C GLN A 470 2.58 9.16 8.97
N ALA A 471 3.01 9.99 8.03
CA ALA A 471 3.99 11.03 8.31
C ALA A 471 4.11 11.93 7.09
N LEU A 472 4.79 13.06 7.27
CA LEU A 472 5.01 13.97 6.18
C LEU A 472 6.44 13.84 5.70
N LEU A 473 6.64 13.59 4.42
CA LEU A 473 7.99 13.49 3.87
C LEU A 473 8.17 14.78 3.10
N HIS A 474 9.26 15.48 3.38
CA HIS A 474 9.50 16.78 2.76
C HIS A 474 10.98 17.09 2.60
N THR A 475 11.33 17.69 1.48
CA THR A 475 12.72 18.03 1.22
C THR A 475 12.75 18.96 0.02
N ALA A 476 13.78 19.78 -0.07
CA ALA A 476 13.95 20.70 -1.19
C ALA A 476 12.83 21.75 -1.39
N ASN A 477 12.20 22.19 -0.30
CA ASN A 477 11.21 23.25 -0.43
C ASN A 477 11.98 24.49 0.04
N ARG A 478 11.32 25.64 0.11
CA ARG A 478 12.05 26.84 0.53
C ARG A 478 12.59 26.67 1.94
N PRO A 479 13.90 26.92 2.14
CA PRO A 479 14.51 26.78 3.47
C PRO A 479 13.79 27.58 4.55
N GLU A 480 13.62 26.98 5.72
CA GLU A 480 12.95 27.66 6.83
C GLU A 480 13.64 28.95 7.25
N ASP A 481 14.96 29.02 7.10
CA ASP A 481 15.69 30.23 7.46
C ASP A 481 15.38 31.37 6.51
N GLU A 482 15.09 31.03 5.24
CA GLU A 482 14.78 32.05 4.25
C GLU A 482 13.38 32.57 4.48
N CYS A 483 12.48 31.68 4.85
CA CYS A 483 11.11 32.08 5.12
C CYS A 483 11.15 33.08 6.28
N VAL A 484 11.69 32.64 7.41
CA VAL A 484 11.81 33.48 8.59
C VAL A 484 12.67 34.71 8.25
N GLY A 485 13.70 34.49 7.43
CA GLY A 485 14.57 35.58 7.03
C GLY A 485 13.79 36.69 6.35
N GLU A 486 12.83 36.31 5.50
CA GLU A 486 12.00 37.28 4.80
C GLU A 486 10.97 37.83 5.77
N GLY A 487 10.99 37.29 6.99
CA GLY A 487 10.04 37.73 8.00
C GLY A 487 8.69 37.01 7.99
N LEU A 488 8.57 35.97 7.18
CA LEU A 488 7.32 35.23 7.08
C LEU A 488 7.07 34.34 8.30
N ALA A 489 5.80 34.30 8.71
CA ALA A 489 5.39 33.50 9.87
C ALA A 489 3.89 33.62 10.07
N CYS A 490 3.35 32.81 10.99
CA CYS A 490 1.93 32.84 11.26
C CYS A 490 1.49 34.17 11.83
N HIS A 491 0.27 34.59 11.49
CA HIS A 491 -0.27 35.86 11.98
C HIS A 491 -0.30 35.86 13.50
N GLN A 492 0.00 37.02 14.08
CA GLN A 492 0.05 37.19 15.53
C GLN A 492 -1.18 36.59 16.23
N LEU A 493 -2.31 36.62 15.52
CA LEU A 493 -3.53 36.09 16.08
C LEU A 493 -3.65 34.56 15.98
N CYS A 494 -2.64 33.90 15.43
CA CYS A 494 -2.68 32.44 15.31
C CYS A 494 -2.28 31.85 16.67
N ALA A 495 -3.28 31.41 17.41
CA ALA A 495 -3.11 30.85 18.75
C ALA A 495 -1.81 30.12 19.08
N LYS A 496 -1.63 28.92 18.52
CA LYS A 496 -0.44 28.13 18.83
C LYS A 496 0.67 28.15 17.78
N GLY A 497 0.78 29.26 17.05
CA GLY A 497 1.81 29.37 16.02
C GLY A 497 1.57 28.53 14.79
N HIS A 498 0.37 27.95 14.70
CA HIS A 498 0.01 27.09 13.55
C HIS A 498 -0.86 27.80 12.52
N CYS A 499 -0.48 27.66 11.26
CA CYS A 499 -1.22 28.28 10.17
C CYS A 499 -0.87 27.62 8.83
N TRP A 500 -1.72 27.83 7.83
CA TRP A 500 -1.52 27.27 6.49
C TRP A 500 -0.96 28.32 5.56
N GLY A 501 -0.77 29.53 6.09
CA GLY A 501 -0.27 30.61 5.26
C GLY A 501 -0.06 31.89 6.02
N PRO A 502 0.15 33.01 5.31
CA PRO A 502 0.38 34.35 5.84
C PRO A 502 -0.73 35.01 6.66
N GLY A 503 -1.82 35.39 5.97
CA GLY A 503 -2.91 36.08 6.62
C GLY A 503 -3.51 35.52 7.91
N PRO A 504 -4.57 36.17 8.43
CA PRO A 504 -5.27 35.76 9.65
C PRO A 504 -6.23 34.63 9.34
N THR A 505 -6.55 34.48 8.06
CA THR A 505 -7.46 33.45 7.58
C THR A 505 -6.83 32.05 7.60
N GLN A 506 -5.51 32.01 7.67
CA GLN A 506 -4.79 30.74 7.64
C GLN A 506 -4.46 30.07 8.97
N CYS A 507 -4.86 30.67 10.09
CA CYS A 507 -4.57 30.07 11.40
C CYS A 507 -5.22 28.69 11.53
N VAL A 508 -4.82 27.94 12.55
CA VAL A 508 -5.34 26.59 12.79
C VAL A 508 -5.71 26.31 14.24
N ASN A 509 -6.63 25.36 14.43
CA ASN A 509 -7.09 24.92 15.75
C ASN A 509 -7.17 26.01 16.81
N ASP A 510 -8.13 26.91 16.65
CA ASP A 510 -8.32 28.00 17.61
C ASP A 510 -7.04 28.81 17.77
C1 NAG B . -4.95 -15.89 14.52
C2 NAG B . -3.46 -16.27 14.48
C3 NAG B . -2.90 -16.44 15.89
C4 NAG B . -3.23 -15.20 16.75
C5 NAG B . -4.74 -14.93 16.69
C6 NAG B . -5.18 -13.69 17.46
C7 NAG B . -2.78 -17.46 12.50
C8 NAG B . -2.28 -18.77 11.92
N2 NAG B . -3.29 -17.49 13.73
O3 NAG B . -1.49 -16.63 15.84
O4 NAG B . -2.82 -15.42 18.12
O5 NAG B . -5.14 -14.72 15.32
O6 NAG B . -6.54 -13.79 17.86
O7 NAG B . -2.70 -16.42 11.84
C1 NAG B . -1.83 -14.56 18.60
C2 NAG B . -2.07 -14.25 20.07
C3 NAG B . -0.94 -13.34 20.59
C4 NAG B . 0.43 -13.98 20.32
C5 NAG B . 0.55 -14.36 18.82
C6 NAG B . 1.82 -15.11 18.50
C7 NAG B . -4.39 -14.31 20.70
C8 NAG B . -5.46 -13.56 21.49
N2 NAG B . -3.36 -13.60 20.25
O3 NAG B . -1.09 -13.13 21.99
O4 NAG B . 1.46 -13.08 20.66
O5 NAG B . -0.56 -15.21 18.44
O6 NAG B . 1.62 -16.51 18.52
O7 NAG B . -4.50 -15.52 20.52
C1 NAG C . 24.08 6.31 1.02
C2 NAG C . 24.83 7.07 2.14
C3 NAG C . 24.58 8.59 2.03
C4 NAG C . 24.87 9.08 0.61
C5 NAG C . 24.06 8.25 -0.40
C6 NAG C . 24.33 8.65 -1.85
C7 NAG C . 25.24 5.91 4.22
C8 NAG C . 24.60 4.89 5.17
N2 NAG C . 24.41 6.60 3.44
O3 NAG C . 25.41 9.28 2.95
O4 NAG C . 24.51 10.45 0.50
O5 NAG C . 24.40 6.85 -0.27
O6 NAG C . 24.04 10.02 -2.07
O7 NAG C . 26.46 6.03 4.19
C1 NAG D . 21.60 -15.34 -19.62
C2 NAG D . 20.44 -14.51 -20.21
C3 NAG D . 20.19 -14.93 -21.67
C4 NAG D . 21.50 -14.88 -22.48
C5 NAG D . 22.59 -15.68 -21.77
C6 NAG D . 23.93 -15.63 -22.46
C7 NAG D . 18.52 -13.63 -19.05
C8 NAG D . 17.05 -13.61 -19.40
N2 NAG D . 19.24 -14.69 -19.42
O3 NAG D . 19.23 -14.06 -22.26
O4 NAG D . 21.29 -15.38 -23.79
O5 NAG D . 22.77 -15.20 -20.42
O6 NAG D . 24.68 -14.49 -22.05
O7 NAG D . 19.03 -12.68 -18.45
#